data_4DJC
#
_entry.id   4DJC
#
_cell.length_a   28.380
_cell.length_b   72.720
_cell.length_c   97.010
_cell.angle_alpha   90.00
_cell.angle_beta   90.00
_cell.angle_gamma   90.00
#
_symmetry.space_group_name_H-M   'P 21 21 21'
#
loop_
_entity.id
_entity.type
_entity.pdbx_description
1 polymer Calmodulin
2 polymer 'Sodium channel protein type 5 subunit alpha'
3 non-polymer 'CALCIUM ION'
4 non-polymer 'ISOPROPYL ALCOHOL'
5 water water
#
loop_
_entity_poly.entity_id
_entity_poly.type
_entity_poly.pdbx_seq_one_letter_code
_entity_poly.pdbx_strand_id
1 'polypeptide(L)'
;SNAMADQLTEEQIAEFKEAFSLFDKDGDGTITTKELGTVMRSLGQNPTEAELQDMINEVDADGNGTIDFPEFLTMMARKM
KDTDSEEEIREAFRVFDKDGNGYISAAELRHVMTNLGEKLTDEEVDEMIREADIDGDGQVNYEEFVQMMTAK
;
A
2 'polypeptide(L)' SNAQKKYYNAMKKLGSKKPQKPIPRPLNKYQGFIF B
#
loop_
_chem_comp.id
_chem_comp.type
_chem_comp.name
_chem_comp.formula
CA non-polymer 'CALCIUM ION' 'Ca 2'
IPA non-polymer 'ISOPROPYL ALCOHOL' 'C3 H8 O'
#
# COMPACT_ATOMS: atom_id res chain seq x y z
N ASN A 2 -11.11 -15.50 -2.59
CA ASN A 2 -12.21 -14.50 -2.47
C ASN A 2 -12.29 -13.84 -1.08
N ALA A 3 -11.40 -14.24 -0.15
CA ALA A 3 -11.39 -13.64 1.20
C ALA A 3 -11.19 -12.12 1.16
N MET A 4 -10.25 -11.65 0.35
CA MET A 4 -10.05 -10.20 0.12
C MET A 4 -11.32 -9.51 -0.44
N ALA A 5 -11.85 -10.05 -1.54
CA ALA A 5 -13.03 -9.49 -2.17
C ALA A 5 -14.27 -9.60 -1.27
N ASP A 6 -14.30 -10.61 -0.40
CA ASP A 6 -15.44 -10.78 0.52
C ASP A 6 -15.45 -9.68 1.59
N GLN A 7 -14.35 -8.92 1.72
CA GLN A 7 -14.31 -7.76 2.66
C GLN A 7 -14.92 -6.44 2.09
N LEU A 8 -15.21 -6.41 0.79
CA LEU A 8 -15.74 -5.20 0.15
C LEU A 8 -17.23 -4.99 0.42
N THR A 9 -17.65 -3.72 0.49
CA THR A 9 -19.07 -3.35 0.64
C THR A 9 -19.82 -3.48 -0.68
N GLU A 10 -21.16 -3.59 -0.64
CA GLU A 10 -21.95 -3.56 -1.89
C GLU A 10 -21.65 -2.29 -2.71
N GLU A 11 -21.52 -1.14 -2.04
CA GLU A 11 -21.17 0.12 -2.72
C GLU A 11 -19.80 0.08 -3.45
N GLN A 12 -18.81 -0.54 -2.83
CA GLN A 12 -17.47 -0.62 -3.41
C GLN A 12 -17.56 -1.55 -4.60
N ILE A 13 -18.31 -2.65 -4.44
CA ILE A 13 -18.48 -3.62 -5.53
C ILE A 13 -19.10 -2.94 -6.77
N ALA A 14 -20.12 -2.09 -6.54
CA ALA A 14 -20.76 -1.35 -7.66
C ALA A 14 -19.77 -0.37 -8.36
N GLU A 15 -18.92 0.33 -7.59
CA GLU A 15 -17.90 1.23 -8.16
C GLU A 15 -16.99 0.38 -9.04
N PHE A 16 -16.57 -0.75 -8.47
CA PHE A 16 -15.61 -1.61 -9.18
C PHE A 16 -16.22 -2.25 -10.43
N LYS A 17 -17.51 -2.52 -10.43
CA LYS A 17 -18.20 -3.00 -11.61
C LYS A 17 -18.12 -1.98 -12.75
N GLU A 18 -18.24 -0.69 -12.39
CA GLU A 18 -18.06 0.36 -13.39
C GLU A 18 -16.64 0.37 -13.92
N ALA A 19 -15.65 0.24 -13.04
CA ALA A 19 -14.24 0.22 -13.46
C ALA A 19 -13.99 -0.98 -14.38
N PHE A 20 -14.56 -2.13 -14.05
CA PHE A 20 -14.40 -3.34 -14.84
C PHE A 20 -14.91 -3.13 -16.24
N SER A 21 -16.02 -2.43 -16.37
CA SER A 21 -16.64 -2.15 -17.66
C SER A 21 -15.80 -1.31 -18.59
N LEU A 22 -14.88 -0.52 -18.04
CA LEU A 22 -13.99 0.25 -18.89
C LEU A 22 -12.97 -0.64 -19.62
N PHE A 23 -12.67 -1.78 -19.01
CA PHE A 23 -11.80 -2.77 -19.64
C PHE A 23 -12.60 -3.73 -20.50
N ASP A 24 -13.67 -4.27 -19.93
CA ASP A 24 -14.56 -5.21 -20.59
C ASP A 24 -15.53 -4.50 -21.53
N LYS A 25 -15.01 -3.93 -22.62
CA LYS A 25 -15.84 -3.08 -23.43
C LYS A 25 -16.92 -3.82 -24.20
N ASP A 26 -16.77 -5.13 -24.44
CA ASP A 26 -17.86 -5.88 -25.06
C ASP A 26 -18.89 -6.41 -24.07
N GLY A 27 -18.66 -6.18 -22.78
CA GLY A 27 -19.64 -6.54 -21.74
C GLY A 27 -19.88 -8.03 -21.54
N ASP A 28 -18.92 -8.85 -21.98
CA ASP A 28 -19.08 -10.30 -21.90
C ASP A 28 -18.62 -10.92 -20.60
N GLY A 29 -18.20 -10.10 -19.65
CA GLY A 29 -17.82 -10.62 -18.36
C GLY A 29 -16.39 -10.98 -18.14
N THR A 30 -15.53 -10.74 -19.13
CA THR A 30 -14.14 -11.13 -19.07
C THR A 30 -13.30 -10.04 -19.72
N ILE A 31 -12.14 -9.77 -19.14
CA ILE A 31 -11.15 -8.92 -19.75
C ILE A 31 -10.10 -9.80 -20.42
N THR A 32 -9.92 -9.58 -21.71
CA THR A 32 -8.95 -10.31 -22.47
C THR A 32 -7.70 -9.51 -22.69
N THR A 33 -6.65 -10.18 -23.18
CA THR A 33 -5.47 -9.47 -23.53
CA THR A 33 -5.43 -9.49 -23.56
C THR A 33 -5.74 -8.42 -24.59
N LYS A 34 -6.62 -8.73 -25.55
CA LYS A 34 -6.95 -7.76 -26.58
CA LYS A 34 -6.95 -7.76 -26.57
C LYS A 34 -7.56 -6.50 -25.95
N GLU A 35 -8.52 -6.70 -25.05
CA GLU A 35 -9.11 -5.56 -24.37
C GLU A 35 -8.12 -4.76 -23.57
N LEU A 36 -7.26 -5.45 -22.85
CA LEU A 36 -6.26 -4.74 -22.09
C LEU A 36 -5.35 -3.92 -22.97
N GLY A 37 -4.96 -4.49 -24.11
CA GLY A 37 -4.10 -3.78 -25.05
C GLY A 37 -4.75 -2.47 -25.52
N THR A 38 -6.03 -2.53 -25.80
CA THR A 38 -6.78 -1.34 -26.26
C THR A 38 -6.67 -0.25 -25.17
N VAL A 39 -6.91 -0.62 -23.92
CA VAL A 39 -6.77 0.32 -22.81
C VAL A 39 -5.36 0.85 -22.72
N MET A 40 -4.35 -0.04 -22.77
CA MET A 40 -2.98 0.42 -22.59
C MET A 40 -2.55 1.37 -23.71
N ARG A 41 -3.01 1.14 -24.95
CA ARG A 41 -2.72 2.06 -26.02
C ARG A 41 -3.38 3.42 -25.83
N SER A 42 -4.53 3.41 -25.19
CA SER A 42 -5.20 4.71 -24.88
C SER A 42 -4.45 5.46 -23.80
N LEU A 43 -3.62 4.78 -23.02
CA LEU A 43 -2.75 5.40 -22.01
C LEU A 43 -1.39 5.85 -22.59
N GLY A 44 -1.23 5.71 -23.92
CA GLY A 44 0.00 6.08 -24.63
C GLY A 44 1.12 5.06 -24.56
N GLN A 45 0.77 3.82 -24.19
CA GLN A 45 1.74 2.74 -24.09
CA GLN A 45 1.77 2.78 -24.12
C GLN A 45 1.68 1.90 -25.36
N ASN A 46 2.73 1.13 -25.61
CA ASN A 46 2.79 0.22 -26.75
C ASN A 46 3.30 -1.12 -26.27
N PRO A 47 2.49 -1.81 -25.47
CA PRO A 47 2.95 -3.10 -24.98
C PRO A 47 2.98 -4.15 -26.07
N THR A 48 3.78 -5.16 -25.82
CA THR A 48 3.73 -6.38 -26.62
C THR A 48 2.69 -7.36 -26.09
N GLU A 49 2.31 -8.31 -26.91
CA GLU A 49 1.41 -9.37 -26.49
C GLU A 49 1.87 -10.06 -25.20
N ALA A 50 3.14 -10.36 -25.12
CA ALA A 50 3.62 -11.11 -23.94
C ALA A 50 3.60 -10.23 -22.72
N GLU A 51 3.80 -8.93 -22.90
CA GLU A 51 3.64 -7.98 -21.79
C GLU A 51 2.20 -7.94 -21.27
N LEU A 52 1.25 -7.93 -22.21
CA LEU A 52 -0.13 -7.96 -21.80
C LEU A 52 -0.45 -9.23 -21.07
N GLN A 53 -0.01 -10.36 -21.61
CA GLN A 53 -0.21 -11.63 -20.94
C GLN A 53 0.37 -11.61 -19.53
N ASP A 54 1.55 -11.04 -19.38
CA ASP A 54 2.15 -10.90 -18.05
C ASP A 54 1.27 -10.10 -17.08
N MET A 55 0.77 -8.97 -17.53
CA MET A 55 -0.12 -8.14 -16.72
C MET A 55 -1.36 -8.94 -16.35
N ILE A 56 -1.96 -9.67 -17.27
CA ILE A 56 -3.13 -10.52 -16.99
CA ILE A 56 -3.10 -10.49 -16.90
C ILE A 56 -2.73 -11.58 -15.93
N ASN A 57 -1.55 -12.17 -16.13
CA ASN A 57 -1.12 -13.28 -15.31
C ASN A 57 -1.02 -12.87 -13.86
N GLU A 58 -0.68 -11.62 -13.59
CA GLU A 58 -0.50 -11.16 -12.20
C GLU A 58 -1.79 -11.18 -11.41
N VAL A 59 -2.93 -11.05 -12.10
CA VAL A 59 -4.32 -10.95 -11.58
CA VAL A 59 -4.19 -11.13 -11.38
C VAL A 59 -5.10 -12.28 -11.80
N ASP A 60 -4.59 -13.15 -12.67
CA ASP A 60 -5.36 -14.29 -13.21
C ASP A 60 -5.21 -15.49 -12.28
N ALA A 61 -6.02 -15.41 -11.20
CA ALA A 61 -5.90 -16.42 -10.12
C ALA A 61 -6.21 -17.84 -10.58
N ASP A 62 -7.11 -18.02 -11.55
CA ASP A 62 -7.41 -19.34 -12.06
C ASP A 62 -6.66 -19.78 -13.28
N GLY A 63 -5.74 -18.97 -13.76
CA GLY A 63 -4.92 -19.35 -14.87
C GLY A 63 -5.58 -19.52 -16.21
N ASN A 64 -6.82 -19.04 -16.36
CA ASN A 64 -7.50 -19.24 -17.63
C ASN A 64 -7.22 -18.23 -18.70
N GLY A 65 -6.39 -17.25 -18.41
CA GLY A 65 -5.91 -16.33 -19.42
C GLY A 65 -6.72 -15.06 -19.58
N THR A 66 -7.85 -14.95 -18.87
CA THR A 66 -8.67 -13.73 -18.87
C THR A 66 -8.96 -13.35 -17.44
N ILE A 67 -9.37 -12.12 -17.24
CA ILE A 67 -9.74 -11.58 -15.91
CA ILE A 67 -9.75 -11.65 -15.91
C ILE A 67 -11.26 -11.51 -15.80
N ASP A 68 -11.83 -12.26 -14.87
CA ASP A 68 -13.26 -12.16 -14.57
C ASP A 68 -13.48 -11.16 -13.46
N PHE A 69 -14.75 -10.88 -13.21
CA PHE A 69 -15.06 -9.89 -12.20
C PHE A 69 -14.55 -10.26 -10.80
N PRO A 70 -14.72 -11.53 -10.36
CA PRO A 70 -14.14 -11.87 -9.05
C PRO A 70 -12.64 -11.59 -8.95
N GLU A 71 -11.89 -11.90 -10.01
CA GLU A 71 -10.45 -11.64 -10.01
C GLU A 71 -10.14 -10.14 -9.98
N PHE A 72 -10.93 -9.37 -10.73
CA PHE A 72 -10.85 -7.91 -10.69
C PHE A 72 -11.11 -7.35 -9.31
N LEU A 73 -12.12 -7.89 -8.66
CA LEU A 73 -12.41 -7.42 -7.30
CA LEU A 73 -12.46 -7.48 -7.29
C LEU A 73 -11.30 -7.74 -6.32
N THR A 74 -10.66 -8.87 -6.44
CA THR A 74 -9.49 -9.18 -5.58
C THR A 74 -8.38 -8.20 -5.77
N MET A 75 -8.14 -7.81 -7.00
CA MET A 75 -7.09 -6.89 -7.37
CA MET A 75 -7.10 -6.90 -7.37
C MET A 75 -7.42 -5.53 -6.76
N MET A 76 -8.70 -5.10 -6.90
CA MET A 76 -9.10 -3.78 -6.39
C MET A 76 -9.09 -3.78 -4.86
N ALA A 77 -9.45 -4.88 -4.23
CA ALA A 77 -9.38 -5.00 -2.76
C ALA A 77 -7.94 -4.89 -2.26
N ARG A 78 -6.99 -5.45 -3.01
CA ARG A 78 -5.55 -5.36 -2.68
C ARG A 78 -5.06 -3.92 -2.82
N LYS A 79 -5.53 -3.21 -3.84
CA LYS A 79 -5.17 -1.80 -4.01
C LYS A 79 -5.77 -0.93 -2.88
N MET A 80 -6.98 -1.26 -2.46
CA MET A 80 -7.62 -0.51 -1.35
C MET A 80 -6.83 -0.73 -0.08
N LYS A 81 -6.38 -1.96 0.14
CA LYS A 81 -5.63 -2.28 1.37
C LYS A 81 -4.30 -1.51 1.35
N ASP A 82 -3.66 -1.38 0.20
CA ASP A 82 -2.43 -0.62 0.08
C ASP A 82 -2.68 0.87 0.34
N THR A 83 -3.78 1.40 -0.18
CA THR A 83 -4.13 2.79 0.06
C THR A 83 -4.39 3.03 1.56
N ASP A 84 -5.06 2.09 2.20
CA ASP A 84 -5.31 2.18 3.64
C ASP A 84 -4.02 2.15 4.46
N SER A 85 -3.07 1.33 4.06
CA SER A 85 -1.80 1.24 4.73
C SER A 85 -1.02 2.54 4.59
N GLU A 86 -1.03 3.13 3.39
CA GLU A 86 -0.36 4.40 3.16
C GLU A 86 -0.97 5.48 4.04
N GLU A 87 -2.28 5.43 4.21
CA GLU A 87 -2.95 6.42 5.02
C GLU A 87 -2.58 6.23 6.49
N GLU A 88 -2.56 4.99 6.96
CA GLU A 88 -2.15 4.73 8.34
CA GLU A 88 -2.11 4.71 8.35
C GLU A 88 -0.73 5.23 8.63
N ILE A 89 0.18 5.05 7.68
CA ILE A 89 1.57 5.50 7.84
C ILE A 89 1.67 7.01 7.90
N ARG A 90 0.97 7.75 7.04
CA ARG A 90 0.99 9.22 7.18
C ARG A 90 0.36 9.71 8.43
N GLU A 91 -0.73 9.09 8.86
CA GLU A 91 -1.37 9.53 10.11
C GLU A 91 -0.46 9.25 11.28
N ALA A 92 0.26 8.12 11.28
CA ALA A 92 1.18 7.82 12.36
C ALA A 92 2.35 8.82 12.34
N PHE A 93 2.86 9.15 11.16
CA PHE A 93 3.92 10.13 11.05
C PHE A 93 3.52 11.45 11.72
N ARG A 94 2.30 11.89 11.44
CA ARG A 94 1.84 13.15 11.98
C ARG A 94 1.87 13.12 13.50
N VAL A 95 1.53 11.98 14.11
CA VAL A 95 1.58 11.89 15.56
C VAL A 95 3.00 11.79 16.11
N PHE A 96 3.84 10.97 15.49
CA PHE A 96 5.19 10.80 15.96
C PHE A 96 5.99 12.10 15.84
N ASP A 97 5.75 12.83 14.76
CA ASP A 97 6.32 14.17 14.54
C ASP A 97 5.50 15.18 15.39
N LYS A 98 5.82 15.18 16.65
CA LYS A 98 4.94 15.85 17.56
CA LYS A 98 5.04 15.89 17.66
C LYS A 98 4.73 17.31 17.22
N ASP A 99 5.76 18.04 16.86
CA ASP A 99 5.59 19.46 16.57
C ASP A 99 5.22 19.79 15.11
N GLY A 100 5.10 18.74 14.30
CA GLY A 100 4.64 18.95 12.95
C GLY A 100 5.68 19.47 11.99
N ASN A 101 6.96 19.52 12.40
CA ASN A 101 7.95 20.19 11.57
C ASN A 101 8.53 19.34 10.44
N GLY A 102 8.08 18.10 10.30
CA GLY A 102 8.48 17.23 9.25
C GLY A 102 9.58 16.26 9.60
N TYR A 103 10.01 16.27 10.86
CA TYR A 103 11.06 15.39 11.31
C TYR A 103 10.66 14.83 12.66
N ILE A 104 10.81 13.53 12.84
CA ILE A 104 10.66 12.92 14.15
C ILE A 104 12.00 12.97 14.87
N SER A 105 12.09 13.68 16.00
CA SER A 105 13.27 13.67 16.78
C SER A 105 13.20 12.56 17.85
N ALA A 106 14.35 12.28 18.44
CA ALA A 106 14.40 11.31 19.52
C ALA A 106 13.50 11.67 20.68
N ALA A 107 13.53 12.94 21.09
CA ALA A 107 12.65 13.40 22.16
C ALA A 107 11.20 13.20 21.81
N GLU A 108 10.82 13.50 20.56
CA GLU A 108 9.42 13.30 20.16
C GLU A 108 9.05 11.87 20.24
N LEU A 109 9.92 10.99 19.69
CA LEU A 109 9.64 9.57 19.71
C LEU A 109 9.50 9.06 21.16
N ARG A 110 10.35 9.54 22.06
CA ARG A 110 10.24 9.17 23.46
C ARG A 110 8.88 9.56 24.05
N HIS A 111 8.48 10.79 23.76
CA HIS A 111 7.19 11.26 24.27
C HIS A 111 6.04 10.45 23.80
N VAL A 112 5.97 10.19 22.49
CA VAL A 112 4.86 9.46 21.92
CA VAL A 112 4.83 9.47 21.94
C VAL A 112 4.81 8.01 22.39
N MET A 113 5.96 7.33 22.35
CA MET A 113 6.06 5.98 22.84
C MET A 113 5.53 5.83 24.26
N THR A 114 5.98 6.72 25.12
CA THR A 114 5.56 6.67 26.50
C THR A 114 4.07 6.97 26.63
N ASN A 115 3.56 7.94 25.90
CA ASN A 115 2.12 8.26 26.00
C ASN A 115 1.26 7.12 25.49
N LEU A 116 1.77 6.31 24.60
CA LEU A 116 1.08 5.13 24.11
C LEU A 116 1.22 3.90 25.00
N GLY A 117 1.95 4.05 26.09
CA GLY A 117 2.10 3.00 27.05
C GLY A 117 3.19 2.03 26.70
N GLU A 118 4.04 2.38 25.71
CA GLU A 118 5.17 1.54 25.38
CA GLU A 118 5.18 1.55 25.38
C GLU A 118 6.26 1.73 26.45
N LYS A 119 6.89 0.65 26.80
CA LYS A 119 7.88 0.66 27.87
C LYS A 119 9.31 0.60 27.33
N LEU A 120 9.48 0.91 26.03
CA LEU A 120 10.80 1.01 25.41
C LEU A 120 11.77 1.77 26.27
N THR A 121 13.00 1.27 26.42
CA THR A 121 14.01 1.99 27.15
C THR A 121 14.54 3.18 26.31
N ASP A 122 15.31 4.07 26.93
CA ASP A 122 15.88 5.19 26.16
C ASP A 122 16.78 4.75 25.02
N GLU A 123 17.60 3.74 25.30
CA GLU A 123 18.45 3.22 24.23
C GLU A 123 17.62 2.71 23.07
N GLU A 124 16.49 2.04 23.37
CA GLU A 124 15.63 1.51 22.29
C GLU A 124 15.06 2.64 21.45
N VAL A 125 14.66 3.74 22.08
CA VAL A 125 14.18 4.89 21.31
C VAL A 125 15.27 5.46 20.41
N ASP A 126 16.47 5.62 20.95
CA ASP A 126 17.58 6.10 20.17
C ASP A 126 17.85 5.22 19.00
N GLU A 127 17.85 3.91 19.26
CA GLU A 127 18.06 2.95 18.18
C GLU A 127 17.07 3.10 17.05
N MET A 128 15.81 3.28 17.39
CA MET A 128 14.74 3.44 16.41
C MET A 128 15.00 4.65 15.52
N ILE A 129 15.48 5.74 16.10
CA ILE A 129 15.82 6.90 15.29
C ILE A 129 17.03 6.58 14.40
N ARG A 130 18.04 6.00 14.98
CA ARG A 130 19.27 5.75 14.20
C ARG A 130 19.04 4.81 13.03
N GLU A 131 18.23 3.79 13.24
N GLU A 131 18.21 3.80 13.24
CA GLU A 131 18.02 2.82 12.17
CA GLU A 131 17.94 2.76 12.20
C GLU A 131 17.28 3.44 11.02
C GLU A 131 17.11 3.29 11.05
N ALA A 132 16.34 4.36 11.33
CA ALA A 132 15.52 4.98 10.30
C ALA A 132 16.22 6.13 9.60
N ASP A 133 17.24 6.71 10.24
CA ASP A 133 17.88 7.95 9.80
C ASP A 133 18.89 7.74 8.67
N ILE A 134 18.37 7.54 7.48
CA ILE A 134 19.19 7.28 6.31
C ILE A 134 20.15 8.40 6.00
N ASP A 135 19.69 9.64 6.07
CA ASP A 135 20.50 10.80 5.67
C ASP A 135 21.46 11.32 6.73
N GLY A 136 21.40 10.76 7.95
CA GLY A 136 22.33 11.12 8.98
C GLY A 136 22.17 12.45 9.68
N ASP A 137 20.99 13.05 9.58
CA ASP A 137 20.77 14.32 10.26
C ASP A 137 20.27 14.16 11.69
N GLY A 138 20.17 12.94 12.22
CA GLY A 138 19.77 12.75 13.63
C GLY A 138 18.27 12.66 13.86
N GLN A 139 17.48 12.71 12.79
N GLN A 139 17.49 12.70 12.78
CA GLN A 139 16.02 12.72 12.92
CA GLN A 139 16.02 12.75 12.86
C GLN A 139 15.42 11.96 11.74
C GLN A 139 15.40 12.06 11.65
N VAL A 140 14.11 11.72 11.76
CA VAL A 140 13.45 10.88 10.76
C VAL A 140 12.42 11.67 9.96
N ASN A 141 12.70 11.97 8.72
CA ASN A 141 11.78 12.63 7.85
C ASN A 141 10.71 11.65 7.33
N TYR A 142 9.75 12.16 6.58
CA TYR A 142 8.65 11.37 6.13
C TYR A 142 9.09 10.25 5.21
N GLU A 143 9.95 10.53 4.23
CA GLU A 143 10.38 9.46 3.31
C GLU A 143 11.19 8.43 4.05
N GLU A 144 12.00 8.82 5.04
CA GLU A 144 12.69 7.84 5.88
C GLU A 144 11.70 6.99 6.66
N PHE A 145 10.64 7.59 7.18
CA PHE A 145 9.63 6.82 7.89
C PHE A 145 8.91 5.83 6.97
N VAL A 146 8.54 6.29 5.78
CA VAL A 146 7.89 5.40 4.83
C VAL A 146 8.82 4.21 4.53
N GLN A 147 10.11 4.46 4.29
CA GLN A 147 11.03 3.35 4.03
CA GLN A 147 11.05 3.36 4.05
C GLN A 147 11.12 2.41 5.21
N MET A 148 11.18 2.95 6.42
CA MET A 148 11.24 2.10 7.59
C MET A 148 9.99 1.23 7.70
N MET A 149 8.81 1.74 7.33
CA MET A 149 7.55 1.02 7.47
C MET A 149 7.20 0.12 6.30
N THR A 150 8.00 0.16 5.26
CA THR A 150 7.79 -0.68 4.07
CA THR A 150 7.79 -0.68 4.08
C THR A 150 8.15 -2.14 4.41
N ALA A 151 7.23 -3.06 4.07
CA ALA A 151 7.44 -4.49 4.37
C ALA A 151 8.72 -4.98 3.69
N LYS A 152 9.45 -5.82 4.45
CA LYS A 152 10.88 -6.17 4.39
C LYS A 152 11.74 -5.53 3.31
N ASN B 2 12.93 -5.88 15.73
CA ASN B 2 13.76 -4.86 15.06
C ASN B 2 13.07 -3.48 15.22
N ALA B 3 13.68 -2.42 14.72
CA ALA B 3 13.06 -1.09 14.85
C ALA B 3 11.67 -1.05 14.16
N GLN B 4 11.55 -1.71 13.02
CA GLN B 4 10.29 -1.68 12.29
C GLN B 4 9.13 -2.22 13.13
N LYS B 5 9.38 -3.35 13.80
CA LYS B 5 8.38 -3.95 14.66
C LYS B 5 7.92 -3.01 15.79
N LYS B 6 8.87 -2.29 16.37
CA LYS B 6 8.57 -1.32 17.43
C LYS B 6 7.75 -0.17 16.92
N TYR B 7 8.11 0.36 15.77
CA TYR B 7 7.27 1.38 15.17
C TYR B 7 5.88 0.85 14.88
N TYR B 8 5.81 -0.37 14.32
CA TYR B 8 4.53 -1.00 13.99
C TYR B 8 3.66 -1.24 15.21
N ASN B 9 4.27 -1.70 16.29
CA ASN B 9 3.51 -1.99 17.52
C ASN B 9 2.91 -0.69 18.04
N ALA B 10 3.64 0.40 17.89
CA ALA B 10 3.15 1.70 18.32
C ALA B 10 2.02 2.20 17.43
N MET B 11 2.15 2.01 16.11
CA MET B 11 1.08 2.38 15.19
C MET B 11 -0.23 1.65 15.48
N LYS B 12 -0.12 0.39 15.84
CA LYS B 12 -1.33 -0.35 16.23
C LYS B 12 -1.96 0.16 17.52
N LYS B 13 -1.17 0.69 18.44
CA LYS B 13 -1.75 1.39 19.58
C LYS B 13 -2.49 2.66 19.16
N LEU B 14 -2.04 3.36 18.11
CA LEU B 14 -2.73 4.58 17.69
C LEU B 14 -4.13 4.32 17.17
CA CA C . -14.70 -8.72 -22.65
CA CA D . -9.02 -15.82 -14.88
CA CA E . 9.28 17.20 14.81
CA CA F . 17.15 11.84 8.67
C1 IPA G . -19.42 -7.95 -13.97
C2 IPA G . -20.61 -7.89 -14.90
C3 IPA G . -20.17 -8.16 -16.34
O2 IPA G . -21.09 -6.56 -14.88
C1 IPA H . -21.01 -14.92 -26.54
C2 IPA H . -22.38 -14.48 -26.19
C3 IPA H . -23.44 -14.76 -27.24
O2 IPA H . -22.46 -13.13 -25.71
C1 IPA I . 20.16 5.60 27.26
C2 IPA I . 21.61 6.02 27.10
C3 IPA I . 22.38 5.57 28.33
O2 IPA I . 21.73 7.42 26.96
C1 IPA J . 6.94 23.31 14.02
C2 IPA J . 5.83 24.15 14.65
C3 IPA J . 6.50 25.39 15.19
O2 IPA J . 5.17 23.43 15.70
C1 IPA K . -4.71 -6.26 -15.36
C2 IPA K . -5.41 -4.92 -15.17
C3 IPA K . -4.85 -4.25 -13.93
O2 IPA K . -6.82 -5.06 -15.08
C1 IPA L . 21.42 9.65 17.42
C2 IPA L . 19.97 10.10 17.34
C3 IPA L . 19.94 11.62 17.52
O2 IPA L . 19.22 9.46 18.36
C1 IPA M . -9.66 2.20 -17.62
C2 IPA M . -8.69 3.37 -17.43
C3 IPA M . -8.57 4.18 -18.73
O2 IPA M . -7.39 2.90 -17.08
C1 IPA N . -2.07 -20.15 -12.53
C2 IPA N . -2.49 -21.46 -11.85
C3 IPA N . -2.79 -22.56 -12.87
O2 IPA N . -3.65 -21.28 -11.08
C1 IPA O . 4.40 -2.98 -20.67
C2 IPA O . 3.98 -1.54 -20.50
C3 IPA O . 2.74 -1.57 -19.59
O2 IPA O . 3.69 -0.95 -21.76
#